data_1URU
#
_entry.id   1URU
#
_cell.length_a   49.586
_cell.length_b   49.586
_cell.length_c   190.319
_cell.angle_alpha   90.00
_cell.angle_beta   90.00
_cell.angle_gamma   120.00
#
_symmetry.space_group_name_H-M   'P 31 2 1'
#
loop_
_entity.id
_entity.type
_entity.pdbx_description
1 polymer AMPHIPHYSIN
2 water water
#
_entity_poly.entity_id   1
_entity_poly.type   'polypeptide(L)'
_entity_poly.pdbx_seq_one_letter_code
;(MSE)TENKGI(MSE)LAKSVQKHAGRAKEKILQNLGKVDRTADEIFDDHLNNFNRQQASANRLQKEFNNYIRCVRAAQA
ASKTL(MSE)DSVCEIYEPQWSGYDALQAQTGASESLWADFAHKLGDQVLIPLNTYTGQFPE(MSE)KKKVEKRNRKLID
YDGQRHSFQNLQANANKRKDDVKLTKGREQLEEARRTYEILNTELHDELPALYDSRILFLVTNLQTLFATEQVFHNETAK
IYSELEAIVDKLATESQRGS
;
_entity_poly.pdbx_strand_id   A
#
# COMPACT_ATOMS: atom_id res chain seq x y z
N GLN A 26 26.72 10.39 -11.66
CA GLN A 26 25.38 10.21 -11.02
C GLN A 26 24.30 10.93 -11.85
N ASN A 27 23.33 10.15 -12.34
CA ASN A 27 22.39 10.64 -13.34
C ASN A 27 21.05 9.85 -13.46
N LEU A 28 20.37 9.99 -14.61
CA LEU A 28 18.97 9.64 -14.76
C LEU A 28 18.73 8.44 -15.70
N GLY A 29 19.74 7.56 -15.79
CA GLY A 29 19.67 6.33 -16.57
C GLY A 29 20.95 6.10 -17.34
N LYS A 30 21.85 5.27 -16.78
CA LYS A 30 23.14 4.98 -17.41
C LYS A 30 22.96 4.48 -18.84
N VAL A 31 23.21 5.34 -19.82
CA VAL A 31 22.82 5.05 -21.20
C VAL A 31 23.58 3.92 -21.90
N ASP A 32 24.58 3.33 -21.27
CA ASP A 32 25.28 2.17 -21.87
C ASP A 32 24.81 0.78 -21.39
N ARG A 33 23.66 0.74 -20.70
CA ARG A 33 23.10 -0.53 -20.18
C ARG A 33 22.59 -1.41 -21.31
N THR A 34 22.65 -2.72 -21.07
CA THR A 34 22.01 -3.71 -21.93
C THR A 34 20.55 -3.72 -21.54
N ALA A 35 19.71 -4.42 -22.30
CA ALA A 35 18.29 -4.56 -21.97
C ALA A 35 18.10 -5.30 -20.64
N ASP A 36 18.91 -6.32 -20.40
CA ASP A 36 18.89 -7.06 -19.15
C ASP A 36 19.28 -6.26 -17.91
N GLU A 37 20.27 -5.38 -18.06
CA GLU A 37 20.71 -4.53 -16.95
C GLU A 37 19.62 -3.50 -16.64
N ILE A 38 18.95 -3.00 -17.68
CA ILE A 38 17.77 -2.15 -17.49
C ILE A 38 16.68 -2.89 -16.74
N PHE A 39 16.48 -4.16 -17.04
CA PHE A 39 15.42 -4.94 -16.43
C PHE A 39 15.73 -5.07 -14.94
N ASP A 40 17.00 -5.36 -14.62
CA ASP A 40 17.45 -5.50 -13.27
C ASP A 40 17.18 -4.26 -12.46
N ASP A 41 17.43 -3.10 -13.05
CA ASP A 41 17.21 -1.84 -12.37
C ASP A 41 15.73 -1.68 -12.09
N HIS A 42 14.89 -2.09 -13.01
CA HIS A 42 13.44 -2.10 -12.82
C HIS A 42 13.03 -2.99 -11.66
N LEU A 43 13.73 -4.10 -11.51
CA LEU A 43 13.53 -5.01 -10.38
C LEU A 43 13.89 -4.38 -9.05
N ASN A 44 15.00 -3.63 -8.98
CA ASN A 44 15.43 -3.05 -7.72
C ASN A 44 14.41 -2.06 -7.27
N ASN A 45 13.86 -1.33 -8.24
CA ASN A 45 12.86 -0.30 -8.00
C ASN A 45 11.55 -0.90 -7.53
N PHE A 46 11.24 -2.11 -7.98
CA PHE A 46 9.96 -2.72 -7.70
C PHE A 46 9.98 -3.39 -6.33
N ASN A 47 11.08 -4.11 -6.07
CA ASN A 47 11.39 -4.63 -4.75
C ASN A 47 11.30 -3.54 -3.69
N ARG A 48 11.87 -2.37 -4.00
CA ARG A 48 11.84 -1.22 -3.08
C ARG A 48 10.46 -0.60 -2.96
N GLN A 49 9.72 -0.59 -4.08
CA GLN A 49 8.36 -0.05 -4.09
C GLN A 49 7.47 -0.97 -3.24
N GLN A 50 7.65 -2.27 -3.38
CA GLN A 50 6.90 -3.28 -2.63
C GLN A 50 7.25 -3.29 -1.14
N ALA A 51 8.51 -3.08 -0.80
CA ALA A 51 8.95 -3.04 0.60
C ALA A 51 8.37 -1.81 1.30
N SER A 52 8.24 -0.71 0.54
CA SER A 52 7.73 0.56 1.07
C SER A 52 6.21 0.55 1.26
N ALA A 53 5.48 -0.13 0.37
CA ALA A 53 4.03 -0.25 0.50
C ALA A 53 3.61 -1.23 1.60
N ASN A 54 4.39 -2.31 1.78
CA ASN A 54 4.15 -3.31 2.83
C ASN A 54 4.36 -2.69 4.21
N ARG A 55 5.41 -1.86 4.31
CA ARG A 55 5.68 -1.12 5.51
C ARG A 55 4.58 -0.09 5.80
N LEU A 56 4.06 0.58 4.77
CA LEU A 56 3.04 1.60 5.01
C LEU A 56 1.76 0.94 5.50
N GLN A 57 1.42 -0.19 4.90
CA GLN A 57 0.23 -0.94 5.26
C GLN A 57 0.35 -1.49 6.70
N LYS A 58 1.51 -2.03 7.03
CA LYS A 58 1.80 -2.47 8.39
C LYS A 58 1.57 -1.35 9.41
N GLU A 59 2.33 -0.26 9.28
CA GLU A 59 2.23 0.85 10.22
C GLU A 59 0.86 1.47 10.31
N PHE A 60 0.18 1.57 9.17
CA PHE A 60 -1.12 2.18 9.13
C PHE A 60 -2.14 1.27 9.82
N ASN A 61 -1.98 -0.03 9.67
CA ASN A 61 -2.86 -0.97 10.36
C ASN A 61 -2.61 -0.93 11.87
N ASN A 62 -1.37 -0.66 12.25
CA ASN A 62 -1.01 -0.49 13.65
C ASN A 62 -1.67 0.80 14.17
N TYR A 63 -1.66 1.85 13.35
CA TYR A 63 -2.27 3.13 13.70
C TYR A 63 -3.76 3.00 13.90
N ILE A 64 -4.41 2.27 13.03
CA ILE A 64 -5.86 2.14 13.12
C ILE A 64 -6.30 1.49 14.44
N ARG A 65 -5.75 0.34 14.78
CA ARG A 65 -6.17 -0.26 16.04
C ARG A 65 -5.71 0.58 17.24
N CYS A 66 -4.61 1.33 17.11
CA CYS A 66 -4.24 2.19 18.20
C CYS A 66 -5.25 3.33 18.37
N VAL A 67 -5.79 3.79 17.25
CA VAL A 67 -6.84 4.81 17.20
C VAL A 67 -8.16 4.26 17.78
N ARG A 68 -8.59 3.12 17.27
CA ARG A 68 -9.77 2.41 17.72
C ARG A 68 -9.74 2.31 19.24
N ALA A 69 -8.65 1.79 19.79
CA ALA A 69 -8.51 1.67 21.24
C ALA A 69 -8.58 3.03 21.95
N ALA A 70 -8.08 4.08 21.31
CA ALA A 70 -8.13 5.43 21.86
C ALA A 70 -9.57 5.98 21.92
N GLN A 71 -10.32 5.73 20.85
CA GLN A 71 -11.74 6.02 20.76
C GLN A 71 -12.48 5.40 21.94
N ALA A 72 -12.26 4.10 22.13
CA ALA A 72 -12.83 3.34 23.21
C ALA A 72 -12.50 3.94 24.56
N ALA A 73 -11.27 4.37 24.77
CA ALA A 73 -10.84 4.87 26.07
C ALA A 73 -11.37 6.26 26.31
N SER A 74 -11.51 7.07 25.26
CA SER A 74 -12.02 8.43 25.38
C SER A 74 -13.49 8.39 25.77
N LYS A 75 -14.16 7.30 25.38
CA LYS A 75 -15.58 7.09 25.55
C LYS A 75 -15.84 6.69 26.99
N THR A 76 -15.14 5.68 27.49
CA THR A 76 -15.31 5.28 28.88
C THR A 76 -14.87 6.38 29.85
N LEU A 77 -13.94 7.24 29.42
CA LEU A 77 -13.47 8.35 30.27
C LEU A 77 -14.49 9.44 30.28
N MSE A 78 -15.08 9.71 29.13
CA MSE A 78 -16.08 10.79 29.04
C MSE A 78 -17.37 10.36 29.74
O MSE A 78 -18.08 11.18 30.29
CB MSE A 78 -16.31 11.18 27.58
CG MSE A 78 -15.12 11.91 27.00
SE MSE A 78 -14.68 13.61 28.00
CE MSE A 78 -16.36 14.47 27.73
N ASP A 79 -17.61 9.06 29.76
CA ASP A 79 -18.76 8.50 30.43
C ASP A 79 -18.59 8.70 31.91
N SER A 80 -17.34 8.72 32.35
CA SER A 80 -17.00 9.04 33.75
C SER A 80 -17.17 10.49 34.08
N VAL A 81 -16.68 11.36 33.21
CA VAL A 81 -16.76 12.79 33.44
C VAL A 81 -18.25 13.13 33.52
N CYS A 82 -19.04 12.52 32.63
CA CYS A 82 -20.47 12.75 32.61
C CYS A 82 -21.10 12.23 33.90
N GLU A 83 -20.65 11.09 34.41
CA GLU A 83 -21.17 10.52 35.67
C GLU A 83 -20.91 11.39 36.92
N ILE A 84 -19.68 11.88 37.06
CA ILE A 84 -19.22 12.58 38.25
C ILE A 84 -19.64 14.05 38.26
N TYR A 85 -20.05 14.55 37.09
CA TYR A 85 -20.58 15.87 36.91
C TYR A 85 -22.04 15.70 37.15
N GLU A 86 -22.61 16.50 38.04
CA GLU A 86 -23.95 16.23 38.52
C GLU A 86 -25.02 17.01 37.75
N PRO A 87 -26.21 16.43 37.65
CA PRO A 87 -27.32 17.05 36.91
C PRO A 87 -27.61 18.49 37.34
N GLN A 88 -27.58 18.71 38.64
CA GLN A 88 -27.96 20.00 39.20
C GLN A 88 -26.93 21.13 38.96
N TRP A 89 -25.70 20.79 38.56
CA TRP A 89 -24.68 21.81 38.26
C TRP A 89 -24.96 22.43 36.91
N SER A 90 -24.51 23.66 36.71
CA SER A 90 -24.69 24.30 35.42
C SER A 90 -23.81 23.61 34.36
N GLY A 91 -24.25 23.66 33.10
CA GLY A 91 -23.57 23.02 32.00
C GLY A 91 -23.78 21.50 31.89
N TYR A 92 -24.61 20.90 32.73
CA TYR A 92 -24.64 19.44 32.74
C TYR A 92 -25.20 18.84 31.44
N ASP A 93 -26.30 19.39 30.91
CA ASP A 93 -26.93 18.80 29.73
C ASP A 93 -26.06 19.12 28.52
N ALA A 94 -25.49 20.33 28.55
CA ALA A 94 -24.48 20.77 27.58
C ALA A 94 -23.27 19.83 27.55
N LEU A 95 -22.91 19.24 28.68
CA LEU A 95 -21.78 18.34 28.79
C LEU A 95 -22.13 17.03 28.14
N GLN A 96 -23.28 16.47 28.52
CA GLN A 96 -23.77 15.26 27.89
C GLN A 96 -23.69 15.44 26.38
N ALA A 97 -24.13 16.61 25.91
CA ALA A 97 -24.31 16.87 24.49
C ALA A 97 -23.00 16.92 23.73
N GLN A 98 -22.06 17.67 24.28
CA GLN A 98 -20.79 17.92 23.63
C GLN A 98 -19.92 16.66 23.68
N THR A 99 -20.21 15.81 24.64
CA THR A 99 -19.62 14.49 24.75
C THR A 99 -20.10 13.55 23.65
N GLY A 100 -21.41 13.52 23.42
CA GLY A 100 -21.97 12.70 22.36
C GLY A 100 -21.44 13.14 21.00
N ALA A 101 -21.34 14.45 20.79
CA ALA A 101 -20.75 15.00 19.58
C ALA A 101 -19.36 14.41 19.29
N SER A 102 -18.57 14.25 20.37
CA SER A 102 -17.24 13.67 20.31
C SER A 102 -17.23 12.21 19.92
N GLU A 103 -18.16 11.43 20.47
CA GLU A 103 -18.25 10.01 20.13
C GLU A 103 -18.38 9.82 18.63
N SER A 104 -19.10 10.72 17.98
CA SER A 104 -19.38 10.65 16.55
C SER A 104 -18.21 11.07 15.70
N LEU A 105 -17.49 12.11 16.11
CA LEU A 105 -16.29 12.52 15.37
C LEU A 105 -15.27 11.38 15.40
N TRP A 106 -15.10 10.78 16.57
CA TRP A 106 -14.18 9.68 16.70
C TRP A 106 -14.62 8.54 15.79
N ALA A 107 -15.91 8.38 15.59
CA ALA A 107 -16.39 7.32 14.70
C ALA A 107 -16.27 7.62 13.19
N ASP A 108 -16.44 8.89 12.75
CA ASP A 108 -16.15 9.25 11.35
C ASP A 108 -14.68 8.91 11.13
N PHE A 109 -13.82 9.52 11.95
CA PHE A 109 -12.38 9.37 11.92
C PHE A 109 -12.00 7.91 11.71
N ALA A 110 -12.47 7.03 12.58
CA ALA A 110 -12.09 5.62 12.51
C ALA A 110 -12.70 4.87 11.30
N HIS A 111 -13.84 5.35 10.81
CA HIS A 111 -14.51 4.78 9.63
C HIS A 111 -13.69 5.19 8.41
N LYS A 112 -13.44 6.49 8.32
CA LYS A 112 -12.69 7.05 7.21
C LYS A 112 -11.29 6.43 7.12
N LEU A 113 -10.66 6.09 8.26
CA LEU A 113 -9.32 5.51 8.24
C LEU A 113 -9.36 4.08 7.71
N GLY A 114 -10.23 3.26 8.28
CA GLY A 114 -10.32 1.85 7.90
C GLY A 114 -11.05 1.55 6.60
N ASP A 115 -11.61 2.59 5.98
CA ASP A 115 -12.40 2.44 4.76
C ASP A 115 -11.81 3.27 3.63
N GLN A 116 -12.06 4.58 3.65
CA GLN A 116 -11.56 5.48 2.60
C GLN A 116 -10.03 5.45 2.45
N VAL A 117 -9.27 5.42 3.55
CA VAL A 117 -7.81 5.48 3.47
C VAL A 117 -7.21 4.12 3.28
N LEU A 118 -7.73 3.16 4.05
CA LEU A 118 -7.12 1.84 4.17
C LEU A 118 -7.29 0.99 2.93
N ILE A 119 -8.50 0.93 2.37
CA ILE A 119 -8.80 0.00 1.27
C ILE A 119 -7.96 0.28 0.02
N PRO A 120 -7.86 1.52 -0.46
CA PRO A 120 -6.92 1.81 -1.53
C PRO A 120 -5.52 1.35 -1.20
N LEU A 121 -5.13 1.41 0.07
CA LEU A 121 -3.76 1.02 0.46
C LEU A 121 -3.56 -0.47 0.33
N ASN A 122 -4.59 -1.22 0.71
CA ASN A 122 -4.60 -2.69 0.64
C ASN A 122 -4.66 -3.14 -0.80
N THR A 123 -5.35 -2.36 -1.65
CA THR A 123 -5.49 -2.67 -3.08
C THR A 123 -4.18 -2.41 -3.87
N TYR A 124 -3.55 -1.29 -3.58
CA TYR A 124 -2.30 -0.90 -4.22
C TYR A 124 -1.22 -1.84 -3.75
N THR A 125 -1.27 -2.18 -2.47
CA THR A 125 -0.29 -3.09 -1.90
C THR A 125 -0.40 -4.51 -2.44
N GLY A 126 -1.62 -4.93 -2.82
CA GLY A 126 -1.91 -6.30 -3.23
C GLY A 126 -1.51 -6.60 -4.65
N GLN A 127 -1.28 -5.55 -5.45
CA GLN A 127 -0.88 -5.78 -6.83
C GLN A 127 0.57 -6.19 -6.94
N PHE A 128 1.36 -6.00 -5.88
CA PHE A 128 2.77 -6.38 -5.88
C PHE A 128 3.10 -7.89 -5.87
N PRO A 129 2.49 -8.69 -5.00
CA PRO A 129 2.70 -10.15 -5.05
C PRO A 129 2.39 -10.84 -6.38
N GLU A 130 1.41 -10.37 -7.13
CA GLU A 130 1.05 -10.97 -8.44
C GLU A 130 2.03 -10.56 -9.57
N MSE A 131 2.65 -9.40 -9.38
CA MSE A 131 3.71 -8.88 -10.23
C MSE A 131 4.97 -9.64 -9.95
O MSE A 131 5.67 -10.01 -10.86
CB MSE A 131 3.94 -7.40 -9.92
CG MSE A 131 4.87 -6.66 -10.89
SE MSE A 131 4.42 -6.78 -12.92
CE MSE A 131 3.01 -5.59 -13.01
N LYS A 132 5.27 -9.89 -8.68
CA LYS A 132 6.44 -10.69 -8.29
C LYS A 132 6.31 -12.09 -8.89
N LYS A 133 5.10 -12.64 -8.84
CA LYS A 133 4.85 -13.93 -9.45
C LYS A 133 5.15 -13.91 -10.93
N LYS A 134 4.75 -12.84 -11.62
CA LYS A 134 5.03 -12.71 -13.03
C LYS A 134 6.52 -12.56 -13.31
N VAL A 135 7.24 -11.86 -12.45
CA VAL A 135 8.67 -11.70 -12.65
C VAL A 135 9.42 -13.03 -12.49
N GLU A 136 9.04 -13.81 -11.48
CA GLU A 136 9.63 -15.13 -11.24
C GLU A 136 9.27 -16.09 -12.37
N LYS A 137 8.15 -15.85 -13.05
CA LYS A 137 7.83 -16.58 -14.27
C LYS A 137 8.75 -16.18 -15.44
N ARG A 138 9.10 -14.91 -15.55
CA ARG A 138 10.01 -14.48 -16.61
C ARG A 138 11.38 -15.09 -16.36
N ASN A 139 11.90 -14.93 -15.14
CA ASN A 139 13.23 -15.45 -14.76
C ASN A 139 13.29 -16.96 -14.98
N ARG A 140 12.19 -17.65 -14.76
CA ARG A 140 12.16 -19.11 -14.92
C ARG A 140 12.22 -19.47 -16.41
N LYS A 141 11.31 -18.89 -17.20
CA LYS A 141 11.26 -19.06 -18.65
C LYS A 141 12.59 -18.70 -19.35
N LEU A 142 13.40 -17.84 -18.72
CA LEU A 142 14.69 -17.45 -19.26
C LEU A 142 15.73 -18.55 -19.09
N ILE A 143 15.90 -19.11 -17.88
CA ILE A 143 16.88 -20.21 -17.69
C ILE A 143 16.47 -21.55 -18.38
N ASP A 144 15.21 -21.67 -18.77
CA ASP A 144 14.74 -22.83 -19.53
C ASP A 144 15.13 -22.63 -21.00
N TYR A 145 15.04 -21.38 -21.47
CA TYR A 145 15.31 -21.01 -22.86
C TYR A 145 16.80 -21.05 -23.15
N ASP A 146 17.61 -20.47 -22.27
CA ASP A 146 19.07 -20.56 -22.36
C ASP A 146 19.50 -22.02 -22.13
N GLY A 147 18.74 -22.75 -21.31
CA GLY A 147 19.03 -24.15 -21.04
C GLY A 147 18.78 -25.05 -22.24
N GLN A 148 18.07 -24.54 -23.24
CA GLN A 148 17.80 -25.26 -24.50
C GLN A 148 18.61 -24.73 -25.68
N ARG A 149 19.09 -23.48 -25.58
CA ARG A 149 20.05 -22.91 -26.55
C ARG A 149 21.36 -23.67 -26.45
N HIS A 150 21.88 -23.77 -25.23
CA HIS A 150 22.99 -24.67 -24.89
C HIS A 150 22.69 -26.12 -25.37
N SER A 151 21.66 -26.76 -24.82
CA SER A 151 21.29 -28.15 -25.17
C SER A 151 21.18 -28.41 -26.68
N PHE A 152 20.69 -27.42 -27.43
CA PHE A 152 20.43 -27.56 -28.88
C PHE A 152 21.63 -27.13 -29.75
N GLN A 153 22.56 -26.35 -29.17
CA GLN A 153 23.81 -26.00 -29.86
C GLN A 153 24.81 -27.17 -29.87
N ASN A 154 24.84 -27.96 -28.80
CA ASN A 154 25.60 -29.23 -28.75
C ASN A 154 24.73 -30.46 -29.12
N LEU A 155 23.64 -30.19 -29.84
CA LEU A 155 22.92 -31.17 -30.65
C LEU A 155 23.31 -30.93 -32.12
N GLN A 156 23.38 -29.65 -32.51
CA GLN A 156 23.88 -29.20 -33.82
C GLN A 156 25.32 -29.66 -34.04
N ALA A 157 26.14 -29.56 -33.00
CA ALA A 157 27.55 -29.92 -33.09
C ALA A 157 27.74 -31.44 -33.16
N ASN A 158 27.53 -32.13 -32.02
CA ASN A 158 27.91 -33.57 -31.87
C ASN A 158 27.32 -34.53 -32.89
N ALA A 159 26.05 -34.31 -33.27
CA ALA A 159 25.27 -35.31 -34.01
C ALA A 159 24.86 -34.91 -35.44
N ASN A 160 24.76 -33.61 -35.71
CA ASN A 160 24.21 -33.15 -36.99
C ASN A 160 25.16 -33.37 -38.15
N LYS A 161 24.70 -34.15 -39.13
CA LYS A 161 25.18 -33.99 -40.50
C LYS A 161 24.16 -33.06 -41.19
N ARG A 162 24.65 -32.19 -42.09
CA ARG A 162 23.78 -31.24 -42.84
C ARG A 162 22.65 -31.96 -43.61
N LYS A 163 22.92 -33.18 -44.07
CA LYS A 163 22.04 -33.93 -44.99
C LYS A 163 20.82 -34.58 -44.34
N ASP A 164 20.90 -34.88 -43.05
CA ASP A 164 19.81 -35.54 -42.31
C ASP A 164 19.50 -34.75 -41.04
N ASP A 165 18.24 -34.36 -40.89
CA ASP A 165 17.75 -33.90 -39.60
C ASP A 165 16.95 -35.05 -38.98
N VAL A 166 17.52 -35.70 -37.96
CA VAL A 166 16.75 -36.63 -37.15
C VAL A 166 15.58 -35.81 -36.60
N LYS A 167 14.49 -36.46 -36.20
CA LYS A 167 13.41 -35.75 -35.51
C LYS A 167 13.86 -35.19 -34.13
N LEU A 168 15.11 -35.46 -33.76
CA LEU A 168 15.72 -34.95 -32.52
C LEU A 168 16.08 -33.46 -32.61
N THR A 169 16.57 -33.00 -33.76
CA THR A 169 16.79 -31.56 -33.98
C THR A 169 15.51 -30.84 -34.41
N LYS A 170 14.38 -31.52 -34.40
CA LYS A 170 13.10 -30.82 -34.48
C LYS A 170 12.45 -30.81 -33.08
N GLY A 171 13.32 -30.74 -32.06
CA GLY A 171 13.04 -30.05 -30.82
C GLY A 171 13.58 -28.62 -30.96
N ARG A 172 14.02 -28.27 -32.17
CA ARG A 172 14.12 -26.88 -32.64
C ARG A 172 12.76 -26.17 -32.54
N GLU A 173 11.66 -26.89 -32.75
CA GLU A 173 10.32 -26.31 -32.61
C GLU A 173 10.04 -25.97 -31.16
N GLN A 174 10.64 -26.76 -30.28
CA GLN A 174 10.47 -26.64 -28.84
C GLN A 174 11.28 -25.47 -28.26
N LEU A 175 12.45 -25.21 -28.85
CA LEU A 175 13.26 -24.04 -28.54
C LEU A 175 12.55 -22.75 -28.93
N GLU A 176 11.90 -22.73 -30.08
CA GLU A 176 11.14 -21.57 -30.50
C GLU A 176 9.91 -21.38 -29.64
N GLU A 177 9.52 -22.38 -28.88
CA GLU A 177 8.46 -22.20 -27.91
C GLU A 177 8.99 -21.43 -26.72
N ALA A 178 10.13 -21.84 -26.18
CA ALA A 178 10.68 -21.21 -24.99
C ALA A 178 11.08 -19.74 -25.26
N ARG A 179 11.39 -19.44 -26.51
CA ARG A 179 11.80 -18.11 -26.91
C ARG A 179 10.59 -17.23 -27.27
N ARG A 180 9.59 -17.79 -27.93
CA ARG A 180 8.35 -17.05 -28.14
C ARG A 180 7.75 -16.71 -26.77
N THR A 181 7.73 -17.70 -25.88
CA THR A 181 7.11 -17.61 -24.57
C THR A 181 7.87 -16.64 -23.64
N TYR A 182 9.19 -16.65 -23.72
CA TYR A 182 10.01 -15.72 -22.94
C TYR A 182 9.90 -14.28 -23.46
N GLU A 183 9.98 -14.13 -24.79
CA GLU A 183 9.89 -12.85 -25.51
C GLU A 183 8.67 -12.07 -25.04
N ILE A 184 7.49 -12.68 -25.08
CA ILE A 184 6.26 -11.95 -24.73
C ILE A 184 6.30 -11.50 -23.27
N LEU A 185 6.77 -12.36 -22.38
CA LEU A 185 6.84 -12.05 -20.96
C LEU A 185 7.84 -10.93 -20.66
N ASN A 186 9.09 -11.10 -21.07
CA ASN A 186 10.13 -10.08 -20.95
C ASN A 186 9.70 -8.71 -21.47
N THR A 187 9.00 -8.70 -22.60
CA THR A 187 8.55 -7.46 -23.24
C THR A 187 7.46 -6.80 -22.39
N GLU A 188 6.54 -7.62 -21.90
CA GLU A 188 5.45 -7.15 -21.06
C GLU A 188 5.99 -6.56 -19.75
N LEU A 189 7.02 -7.18 -19.19
CA LEU A 189 7.59 -6.70 -17.95
C LEU A 189 8.41 -5.40 -18.14
N HIS A 190 9.00 -5.24 -19.33
CA HIS A 190 9.78 -4.05 -19.62
C HIS A 190 8.91 -2.80 -19.67
N ASP A 191 7.63 -2.97 -20.01
CA ASP A 191 6.63 -1.90 -19.93
C ASP A 191 5.88 -1.90 -18.61
N GLU A 192 5.51 -3.07 -18.11
CA GLU A 192 4.60 -3.12 -16.98
C GLU A 192 5.27 -2.64 -15.69
N LEU A 193 6.53 -3.01 -15.49
CA LEU A 193 7.25 -2.68 -14.27
C LEU A 193 7.43 -1.19 -14.07
N PRO A 194 8.04 -0.47 -15.00
CA PRO A 194 8.16 1.00 -14.87
C PRO A 194 6.82 1.73 -14.81
N ALA A 195 5.84 1.23 -15.53
CA ALA A 195 4.48 1.73 -15.47
C ALA A 195 3.99 1.72 -14.03
N LEU A 196 4.19 0.60 -13.33
CA LEU A 196 3.78 0.42 -11.93
C LEU A 196 4.58 1.30 -10.99
N TYR A 197 5.86 1.45 -11.28
CA TYR A 197 6.73 2.30 -10.51
C TYR A 197 6.28 3.76 -10.57
N ASP A 198 5.79 4.19 -11.73
CA ASP A 198 5.36 5.56 -11.89
C ASP A 198 4.04 5.80 -11.19
N SER A 199 3.14 4.82 -11.22
CA SER A 199 1.93 4.87 -10.41
C SER A 199 2.16 5.26 -8.95
N ARG A 200 3.34 4.97 -8.41
CA ARG A 200 3.65 5.26 -6.99
C ARG A 200 3.35 6.69 -6.54
N ILE A 201 3.58 7.68 -7.40
CA ILE A 201 3.43 9.08 -7.03
C ILE A 201 1.95 9.36 -6.87
N LEU A 202 1.19 9.11 -7.93
CA LEU A 202 -0.24 9.34 -7.93
C LEU A 202 -0.94 8.58 -6.79
N PHE A 203 -0.51 7.34 -6.53
CA PHE A 203 -1.10 6.61 -5.44
C PHE A 203 -0.93 7.36 -4.14
N LEU A 204 0.29 7.80 -3.85
CA LEU A 204 0.56 8.45 -2.57
C LEU A 204 -0.05 9.83 -2.42
N VAL A 205 -0.08 10.62 -3.47
CA VAL A 205 -0.69 11.92 -3.37
C VAL A 205 -2.17 11.70 -3.05
N THR A 206 -2.79 10.67 -3.63
CA THR A 206 -4.22 10.45 -3.40
C THR A 206 -4.48 9.86 -2.01
N ASN A 207 -3.65 8.89 -1.57
CA ASN A 207 -3.84 8.25 -0.25
C ASN A 207 -3.57 9.21 0.88
N LEU A 208 -2.44 9.88 0.83
CA LEU A 208 -2.13 10.90 1.84
C LEU A 208 -3.13 12.08 1.84
N GLN A 209 -3.72 12.44 0.71
CA GLN A 209 -4.70 13.55 0.66
C GLN A 209 -5.90 13.14 1.48
N THR A 210 -6.38 11.92 1.25
CA THR A 210 -7.46 11.35 2.06
C THR A 210 -7.09 11.27 3.53
N LEU A 211 -5.90 10.73 3.82
CA LEU A 211 -5.45 10.55 5.20
C LEU A 211 -5.34 11.89 5.90
N PHE A 212 -4.70 12.85 5.26
CA PHE A 212 -4.40 14.12 5.95
C PHE A 212 -5.62 14.97 6.17
N ALA A 213 -6.58 14.87 5.27
CA ALA A 213 -7.87 15.54 5.37
C ALA A 213 -8.75 14.92 6.45
N THR A 214 -8.64 13.61 6.61
CA THR A 214 -9.42 12.88 7.59
C THR A 214 -8.96 13.31 8.96
N GLU A 215 -7.63 13.36 9.09
CA GLU A 215 -6.98 13.81 10.30
C GLU A 215 -7.36 15.27 10.58
N GLN A 216 -7.25 16.12 9.58
CA GLN A 216 -7.53 17.54 9.74
C GLN A 216 -8.93 17.76 10.29
N VAL A 217 -9.91 17.14 9.63
CA VAL A 217 -11.29 17.36 9.99
C VAL A 217 -11.54 16.88 11.42
N PHE A 218 -11.10 15.66 11.74
CA PHE A 218 -11.25 15.08 13.09
C PHE A 218 -10.64 15.96 14.18
N HIS A 219 -9.44 16.45 13.93
CA HIS A 219 -8.71 17.20 14.94
C HIS A 219 -9.32 18.59 15.14
N ASN A 220 -9.79 19.19 14.07
CA ASN A 220 -10.29 20.55 14.09
C ASN A 220 -11.69 20.61 14.68
N GLU A 221 -12.53 19.62 14.35
CA GLU A 221 -13.85 19.54 14.95
C GLU A 221 -13.72 19.16 16.41
N THR A 222 -12.97 18.11 16.72
CA THR A 222 -12.70 17.75 18.11
C THR A 222 -12.15 18.95 18.89
N ALA A 223 -11.43 19.86 18.23
CA ALA A 223 -10.92 21.03 18.94
C ALA A 223 -12.05 21.99 19.36
N LYS A 224 -12.91 22.30 18.39
CA LYS A 224 -14.14 23.06 18.63
C LYS A 224 -14.96 22.50 19.79
N ILE A 225 -14.97 21.19 19.96
CA ILE A 225 -15.74 20.55 21.02
C ILE A 225 -15.13 20.81 22.37
N TYR A 226 -13.82 20.64 22.43
CA TYR A 226 -13.08 20.79 23.67
C TYR A 226 -13.05 22.25 24.14
N SER A 227 -13.14 23.25 23.27
CA SER A 227 -13.22 24.63 23.78
C SER A 227 -14.63 24.93 24.22
N GLU A 228 -15.61 24.27 23.63
CA GLU A 228 -16.96 24.35 24.16
C GLU A 228 -16.96 23.79 25.60
N LEU A 229 -16.26 22.67 25.81
CA LEU A 229 -16.20 22.00 27.09
C LEU A 229 -15.44 22.87 28.10
N GLU A 230 -14.36 23.45 27.64
CA GLU A 230 -13.63 24.42 28.43
C GLU A 230 -14.55 25.53 28.92
N ALA A 231 -15.40 26.07 28.04
CA ALA A 231 -16.24 27.23 28.33
C ALA A 231 -17.27 26.86 29.37
N ILE A 232 -18.03 25.81 29.09
CA ILE A 232 -18.96 25.25 30.09
C ILE A 232 -18.35 25.15 31.49
N VAL A 233 -17.13 24.65 31.59
CA VAL A 233 -16.51 24.40 32.90
C VAL A 233 -16.06 25.71 33.55
N ASP A 234 -15.77 26.74 32.74
CA ASP A 234 -15.50 28.10 33.24
C ASP A 234 -16.71 28.70 33.95
N LYS A 235 -17.89 28.52 33.34
CA LYS A 235 -19.15 29.01 33.89
C LYS A 235 -19.49 28.30 35.18
N LEU A 236 -19.18 27.01 35.29
CA LEU A 236 -19.38 26.34 36.57
C LEU A 236 -18.36 26.80 37.62
N ALA A 237 -17.15 27.10 37.18
CA ALA A 237 -16.11 27.63 38.06
C ALA A 237 -16.45 29.04 38.55
N THR A 238 -17.10 29.86 37.73
CA THR A 238 -17.43 31.22 38.15
C THR A 238 -18.63 31.21 39.09
N GLU A 239 -19.67 30.46 38.72
CA GLU A 239 -20.91 30.39 39.51
C GLU A 239 -20.63 29.79 40.89
N SER A 240 -20.11 28.58 40.92
CA SER A 240 -19.83 27.90 42.18
C SER A 240 -18.81 28.61 43.07
N GLN A 241 -18.11 29.62 42.56
CA GLN A 241 -17.08 30.31 43.37
C GLN A 241 -17.56 31.56 44.13
N ARG A 242 -18.49 32.32 43.56
CA ARG A 242 -18.93 33.57 44.22
C ARG A 242 -19.75 33.32 45.50
#